data_8ALS
#
_entry.id   8ALS
#
_cell.length_a   54.133
_cell.length_b   77.086
_cell.length_c   54.015
_cell.angle_alpha   90.00
_cell.angle_beta   93.15
_cell.angle_gamma   90.00
#
_symmetry.space_group_name_H-M   'P 1 21 1'
#
loop_
_entity.id
_entity.type
_entity.pdbx_description
1 polymer 'Glutathione S-transferase class-mu 28 kDa isozyme'
2 non-polymer 'SODIUM ION'
3 water water
#
_entity_poly.entity_id   1
_entity_poly.type   'polypeptide(L)'
_entity_poly.pdbx_seq_one_letter_code
;GDHIKVIYFNGRGRAESIRMTLVAAGVNYEDERISFQDWPKIKPTIPGGRLPAVKITDNHGHVKWMLESLAIARYMAKKH
HMMGETDEEYYNVEKLIGQVEDLEHEYHKTLMKPEEEKQKITKEILNGKVPVLLDIICESLKASTGKLAVGDKVTLADLV
LIAVIDHVTDLDKEFLTGKYPEIHKHRENLLASSPRLAKYLSDRA
;
_entity_poly.pdbx_strand_id   A,B
#
loop_
_chem_comp.id
_chem_comp.type
_chem_comp.name
_chem_comp.formula
NA non-polymer 'SODIUM ION' 'Na 1'
#
# COMPACT_ATOMS: atom_id res chain seq x y z
N ASP A 2 20.85 -6.15 18.38
CA ASP A 2 20.65 -5.23 17.28
C ASP A 2 19.90 -3.98 17.71
N HIS A 3 20.43 -2.82 17.33
CA HIS A 3 19.83 -1.54 17.71
C HIS A 3 18.97 -1.06 16.56
N ILE A 4 17.71 -0.72 16.86
CA ILE A 4 16.77 -0.23 15.88
C ILE A 4 16.55 1.26 16.12
N LYS A 5 16.89 2.07 15.14
CA LYS A 5 16.66 3.51 15.20
C LYS A 5 15.61 3.89 14.16
N VAL A 6 14.58 4.60 14.61
CA VAL A 6 13.51 5.07 13.74
C VAL A 6 13.75 6.56 13.47
N ILE A 7 14.03 6.90 12.22
CA ILE A 7 14.31 8.28 11.82
C ILE A 7 13.07 8.85 11.17
N TYR A 8 12.62 9.99 11.67
CA TYR A 8 11.34 10.56 11.29
C TYR A 8 11.37 12.04 11.64
N PHE A 9 10.34 12.77 11.21
CA PHE A 9 10.19 14.21 11.53
C PHE A 9 8.80 14.49 12.13
N ASN A 10 7.75 13.95 11.53
CA ASN A 10 6.39 14.18 11.99
C ASN A 10 6.15 13.46 13.31
N GLY A 11 5.60 14.17 14.29
CA GLY A 11 5.34 13.58 15.59
C GLY A 11 4.46 12.34 15.51
N ARG A 12 3.39 12.42 14.72
N ARG A 12 3.38 12.41 14.72
CA ARG A 12 2.44 11.32 14.55
CA ARG A 12 2.47 11.29 14.56
C ARG A 12 2.21 11.07 13.06
C ARG A 12 2.21 11.07 13.06
N GLY A 13 3.26 10.69 12.35
CA GLY A 13 3.21 10.48 10.91
C GLY A 13 3.18 9.01 10.53
N ARG A 14 3.85 8.68 9.44
CA ARG A 14 3.87 7.32 8.93
C ARG A 14 4.62 6.36 9.85
N ALA A 15 5.49 6.88 10.73
CA ALA A 15 6.29 6.03 11.60
C ALA A 15 5.49 5.39 12.74
N GLU A 16 4.25 5.84 12.97
CA GLU A 16 3.46 5.31 14.09
C GLU A 16 3.23 3.81 13.95
N SER A 17 3.04 3.32 12.72
N SER A 17 3.04 3.33 12.71
CA SER A 17 2.84 1.89 12.51
CA SER A 17 2.84 1.90 12.49
C SER A 17 4.10 1.09 12.75
C SER A 17 4.10 1.10 12.81
N ILE A 18 5.28 1.71 12.62
CA ILE A 18 6.52 1.03 12.97
C ILE A 18 6.64 0.91 14.49
N ARG A 19 6.40 2.02 15.19
CA ARG A 19 6.49 2.03 16.64
C ARG A 19 5.49 1.07 17.27
N MET A 20 4.23 1.12 16.81
CA MET A 20 3.20 0.28 17.39
C MET A 20 3.46 -1.20 17.15
N THR A 21 4.05 -1.54 16.00
CA THR A 21 4.42 -2.92 15.75
C THR A 21 5.50 -3.39 16.71
N LEU A 22 6.57 -2.59 16.85
CA LEU A 22 7.63 -2.94 17.79
C LEU A 22 7.13 -2.97 19.22
N VAL A 23 6.22 -2.05 19.57
CA VAL A 23 5.69 -2.02 20.93
C VAL A 23 4.86 -3.26 21.21
N ALA A 24 4.02 -3.65 20.26
CA ALA A 24 3.19 -4.85 20.44
C ALA A 24 4.05 -6.11 20.48
N ALA A 25 5.16 -6.14 19.74
CA ALA A 25 6.07 -7.27 19.76
C ALA A 25 7.03 -7.24 20.94
N GLY A 26 7.04 -6.15 21.72
CA GLY A 26 7.97 -6.03 22.83
C GLY A 26 9.41 -5.85 22.43
N VAL A 27 9.67 -5.20 21.30
CA VAL A 27 11.02 -4.97 20.79
C VAL A 27 11.37 -3.51 21.02
N ASN A 28 12.58 -3.27 21.54
CA ASN A 28 13.01 -1.92 21.84
C ASN A 28 13.50 -1.20 20.59
N TYR A 29 13.45 0.12 20.64
CA TYR A 29 13.86 0.98 19.54
C TYR A 29 14.20 2.35 20.09
N GLU A 30 14.79 3.18 19.24
CA GLU A 30 15.19 4.52 19.61
C GLU A 30 14.57 5.52 18.64
N ASP A 31 13.96 6.57 19.18
CA ASP A 31 13.39 7.64 18.36
C ASP A 31 14.48 8.63 18.00
N GLU A 32 14.57 8.96 16.71
CA GLU A 32 15.52 9.94 16.20
C GLU A 32 14.75 10.94 15.35
N ARG A 33 14.37 12.06 15.95
CA ARG A 33 13.63 13.10 15.25
C ARG A 33 14.57 14.11 14.65
N ILE A 34 14.42 14.34 13.36
CA ILE A 34 15.17 15.33 12.59
C ILE A 34 14.35 16.61 12.63
N SER A 35 14.99 17.77 12.55
CA SER A 35 14.26 19.02 12.54
C SER A 35 14.18 19.60 11.12
N PHE A 36 13.26 20.55 10.95
CA PHE A 36 13.06 21.19 9.64
C PHE A 36 14.33 21.87 9.16
N GLN A 37 14.97 22.63 10.05
CA GLN A 37 16.18 23.35 9.69
C GLN A 37 17.40 22.43 9.58
N ASP A 38 17.35 21.24 10.17
CA ASP A 38 18.44 20.29 10.02
C ASP A 38 18.28 19.40 8.80
N TRP A 39 17.05 19.21 8.33
CA TRP A 39 16.78 18.32 7.20
C TRP A 39 17.65 18.56 5.97
N PRO A 40 17.94 19.80 5.55
CA PRO A 40 18.82 19.98 4.38
C PRO A 40 20.17 19.28 4.49
N LYS A 41 20.75 19.25 5.69
CA LYS A 41 22.03 18.59 5.90
C LYS A 41 21.91 17.09 6.17
N ILE A 42 20.75 16.64 6.65
CA ILE A 42 20.57 15.23 6.96
C ILE A 42 20.14 14.42 5.74
N LYS A 43 19.37 15.01 4.83
CA LYS A 43 18.85 14.28 3.67
C LYS A 43 19.90 13.56 2.84
N PRO A 44 21.06 14.14 2.51
CA PRO A 44 22.05 13.38 1.72
C PRO A 44 22.56 12.12 2.40
N THR A 45 22.37 11.98 3.70
CA THR A 45 22.83 10.81 4.43
C THR A 45 21.79 9.69 4.48
N ILE A 46 20.56 9.95 4.04
CA ILE A 46 19.49 8.96 4.07
C ILE A 46 19.36 8.38 2.66
N PRO A 47 19.51 7.06 2.48
CA PRO A 47 19.30 6.48 1.15
C PRO A 47 17.88 6.73 0.66
N GLY A 48 17.76 7.26 -0.56
CA GLY A 48 16.50 7.67 -1.12
C GLY A 48 16.12 9.10 -0.80
N GLY A 49 16.69 9.70 0.24
CA GLY A 49 16.40 11.07 0.58
C GLY A 49 15.02 11.33 1.11
N ARG A 50 14.35 10.31 1.65
CA ARG A 50 13.00 10.45 2.15
C ARG A 50 12.88 9.82 3.54
N LEU A 51 12.03 10.42 4.36
CA LEU A 51 11.72 9.96 5.70
C LEU A 51 10.25 9.55 5.78
N PRO A 52 9.88 8.64 6.70
CA PRO A 52 10.75 7.99 7.69
C PRO A 52 11.62 6.86 7.14
N ALA A 53 12.70 6.57 7.86
CA ALA A 53 13.59 5.46 7.53
C ALA A 53 14.04 4.79 8.82
N VAL A 54 14.50 3.55 8.70
CA VAL A 54 14.93 2.76 9.83
C VAL A 54 16.40 2.43 9.66
N LYS A 55 17.19 2.61 10.72
CA LYS A 55 18.61 2.35 10.73
C LYS A 55 18.89 1.23 11.73
N ILE A 56 19.52 0.15 11.25
CA ILE A 56 19.82 -1.02 12.07
C ILE A 56 21.32 -1.12 12.24
N THR A 57 21.77 -1.19 13.49
CA THR A 57 23.18 -1.33 13.81
C THR A 57 23.38 -2.63 14.59
N ASP A 58 24.38 -3.40 14.18
CA ASP A 58 24.63 -4.69 14.81
C ASP A 58 25.48 -4.50 16.05
N ASN A 59 25.84 -5.61 16.67
CA ASN A 59 26.84 -5.65 17.74
C ASN A 59 28.24 -5.25 17.25
N HIS A 60 28.46 -5.22 15.93
CA HIS A 60 29.79 -4.95 15.37
C HIS A 60 29.91 -3.58 14.72
N GLY A 61 28.82 -2.83 14.61
CA GLY A 61 28.84 -1.48 14.07
C GLY A 61 28.46 -1.36 12.61
N HIS A 62 28.09 -2.45 11.94
CA HIS A 62 27.65 -2.37 10.55
C HIS A 62 26.22 -1.86 10.47
N VAL A 63 25.99 -0.94 9.52
CA VAL A 63 24.69 -0.29 9.36
C VAL A 63 23.97 -0.87 8.14
N LYS A 64 22.73 -1.31 8.35
CA LYS A 64 21.84 -1.70 7.26
C LYS A 64 20.59 -0.82 7.32
N TRP A 65 20.20 -0.26 6.19
CA TRP A 65 19.08 0.67 6.11
C TRP A 65 17.82 -0.03 5.63
N MET A 66 16.67 0.51 6.06
N MET A 66 16.67 0.50 6.06
CA MET A 66 15.36 0.01 5.66
CA MET A 66 15.36 0.00 5.65
C MET A 66 14.49 1.19 5.27
C MET A 66 14.49 1.18 5.28
N LEU A 67 13.87 1.12 4.10
CA LEU A 67 13.05 2.20 3.56
C LEU A 67 11.58 1.79 3.48
N GLU A 68 10.73 2.80 3.28
CA GLU A 68 9.28 2.67 3.12
C GLU A 68 8.40 2.20 4.27
N SER A 69 8.02 3.13 5.15
CA SER A 69 7.41 2.77 6.43
C SER A 69 6.53 1.53 6.50
N LEU A 70 5.56 1.40 5.59
CA LEU A 70 4.66 0.24 5.64
C LEU A 70 5.37 -1.04 5.22
N ALA A 71 6.39 -0.94 4.35
CA ALA A 71 7.21 -2.11 4.06
C ALA A 71 8.00 -2.54 5.28
N ILE A 72 8.52 -1.56 6.05
CA ILE A 72 9.23 -1.87 7.29
C ILE A 72 8.27 -2.51 8.29
N ALA A 73 7.08 -1.93 8.45
CA ALA A 73 6.10 -2.46 9.39
C ALA A 73 5.68 -3.88 9.01
N ARG A 74 5.44 -4.11 7.72
CA ARG A 74 5.06 -5.45 7.26
C ARG A 74 6.13 -6.48 7.58
N TYR A 75 7.41 -6.10 7.42
CA TYR A 75 8.50 -7.02 7.71
C TYR A 75 8.58 -7.32 9.21
N MET A 76 8.46 -6.29 10.05
CA MET A 76 8.49 -6.50 11.49
C MET A 76 7.28 -7.28 11.96
N ALA A 77 6.10 -7.01 11.40
CA ALA A 77 4.92 -7.77 11.76
C ALA A 77 5.04 -9.21 11.31
N LYS A 78 5.67 -9.45 10.15
CA LYS A 78 5.89 -10.81 9.67
C LYS A 78 6.78 -11.60 10.64
N LYS A 79 7.88 -10.99 11.09
CA LYS A 79 8.82 -11.70 11.97
C LYS A 79 8.21 -12.05 13.32
N HIS A 80 7.14 -11.37 13.73
CA HIS A 80 6.52 -11.62 15.03
C HIS A 80 5.08 -12.10 14.90
N HIS A 81 4.73 -12.69 13.74
CA HIS A 81 3.44 -13.35 13.53
C HIS A 81 2.28 -12.38 13.73
N MET A 82 2.36 -11.22 13.08
CA MET A 82 1.29 -10.23 13.10
C MET A 82 0.77 -9.94 11.70
N MET A 83 0.92 -10.89 10.78
CA MET A 83 0.43 -10.77 9.42
C MET A 83 -0.51 -11.91 9.06
N GLY A 84 -1.27 -12.40 10.02
CA GLY A 84 -2.19 -13.51 9.79
C GLY A 84 -1.56 -14.86 9.98
N GLU A 85 -2.31 -15.81 10.56
CA GLU A 85 -1.80 -17.14 10.79
C GLU A 85 -1.86 -18.01 9.53
N THR A 86 -2.82 -17.74 8.65
CA THR A 86 -2.98 -18.47 7.39
C THR A 86 -2.91 -17.50 6.23
N ASP A 87 -2.86 -18.06 5.02
CA ASP A 87 -2.89 -17.23 3.83
C ASP A 87 -4.20 -16.48 3.71
N GLU A 88 -5.30 -17.10 4.14
CA GLU A 88 -6.61 -16.44 4.07
C GLU A 88 -6.70 -15.32 5.10
N GLU A 89 -6.14 -15.54 6.30
CA GLU A 89 -6.03 -14.44 7.26
C GLU A 89 -5.07 -13.37 6.74
N TYR A 90 -3.99 -13.77 6.09
CA TYR A 90 -3.06 -12.80 5.51
C TYR A 90 -3.76 -11.88 4.52
N TYR A 91 -4.68 -12.43 3.72
CA TYR A 91 -5.45 -11.58 2.82
C TYR A 91 -6.31 -10.59 3.61
N ASN A 92 -6.96 -11.06 4.67
CA ASN A 92 -7.84 -10.19 5.45
C ASN A 92 -7.08 -9.06 6.13
N VAL A 93 -5.85 -9.31 6.57
CA VAL A 93 -5.01 -8.21 7.11
C VAL A 93 -4.78 -7.16 6.00
N GLU A 94 -4.44 -7.62 4.81
CA GLU A 94 -4.09 -6.68 3.75
C GLU A 94 -5.32 -5.95 3.23
N LYS A 95 -6.48 -6.59 3.26
CA LYS A 95 -7.70 -5.93 2.83
C LYS A 95 -7.99 -4.71 3.71
N LEU A 96 -7.81 -4.84 5.02
CA LEU A 96 -8.05 -3.72 5.92
C LEU A 96 -6.94 -2.68 5.82
N ILE A 97 -5.69 -3.12 5.61
CA ILE A 97 -4.60 -2.17 5.40
C ILE A 97 -4.85 -1.32 4.16
N GLY A 98 -5.32 -1.96 3.08
CA GLY A 98 -5.63 -1.21 1.87
C GLY A 98 -6.72 -0.18 2.09
N GLN A 99 -7.73 -0.53 2.87
CA GLN A 99 -8.81 0.42 3.15
C GLN A 99 -8.34 1.52 4.08
N VAL A 100 -7.55 1.17 5.11
CA VAL A 100 -6.94 2.19 5.96
C VAL A 100 -6.04 3.11 5.13
N GLU A 101 -5.33 2.54 4.15
CA GLU A 101 -4.47 3.34 3.28
C GLU A 101 -5.28 4.39 2.51
N ASP A 102 -6.48 4.02 2.06
CA ASP A 102 -7.32 4.98 1.34
C ASP A 102 -7.79 6.09 2.26
N LEU A 103 -8.17 5.74 3.50
CA LEU A 103 -8.58 6.76 4.46
C LEU A 103 -7.41 7.68 4.81
N GLU A 104 -6.21 7.13 4.97
CA GLU A 104 -5.04 7.95 5.22
C GLU A 104 -4.71 8.83 4.03
N HIS A 105 -4.97 8.35 2.81
CA HIS A 105 -4.71 9.13 1.61
C HIS A 105 -5.56 10.39 1.58
N GLU A 106 -6.83 10.30 2.00
CA GLU A 106 -7.69 11.48 2.06
C GLU A 106 -7.23 12.43 3.16
N TYR A 107 -6.84 11.90 4.31
CA TYR A 107 -6.38 12.73 5.41
C TYR A 107 -5.12 13.51 5.03
N HIS A 108 -4.24 12.90 4.24
CA HIS A 108 -2.97 13.54 3.89
C HIS A 108 -3.16 14.81 3.07
N LYS A 109 -4.29 14.95 2.36
CA LYS A 109 -4.50 16.12 1.52
C LYS A 109 -4.54 17.41 2.33
N THR A 110 -4.98 17.35 3.58
CA THR A 110 -5.11 18.52 4.42
C THR A 110 -3.81 18.94 5.10
N LEU A 111 -2.72 18.19 4.90
CA LEU A 111 -1.52 18.35 5.71
C LEU A 111 -0.58 19.40 5.12
N MET A 112 0.00 20.20 6.02
CA MET A 112 1.04 21.18 5.68
C MET A 112 0.57 22.14 4.58
N LYS A 113 -0.54 22.81 4.87
CA LYS A 113 -1.12 23.81 4.00
C LYS A 113 -1.57 24.98 4.87
N PRO A 114 -1.70 26.17 4.30
CA PRO A 114 -2.21 27.31 5.09
C PRO A 114 -3.57 27.01 5.70
N GLU A 115 -3.90 27.80 6.72
CA GLU A 115 -5.08 27.54 7.54
C GLU A 115 -6.35 27.50 6.69
N GLU A 116 -6.53 28.46 5.80
CA GLU A 116 -7.77 28.53 5.02
C GLU A 116 -7.85 27.39 4.01
N GLU A 117 -6.73 27.05 3.37
CA GLU A 117 -6.74 25.92 2.44
C GLU A 117 -6.97 24.61 3.18
N LYS A 118 -6.36 24.46 4.36
CA LYS A 118 -6.57 23.26 5.16
C LYS A 118 -8.04 23.10 5.54
N GLN A 119 -8.68 24.19 5.95
CA GLN A 119 -10.09 24.12 6.35
C GLN A 119 -10.99 23.70 5.18
N LYS A 120 -10.69 24.20 3.97
CA LYS A 120 -11.53 23.88 2.83
C LYS A 120 -11.44 22.40 2.50
N ILE A 121 -10.23 21.85 2.44
CA ILE A 121 -10.06 20.43 2.13
C ILE A 121 -10.61 19.59 3.27
N THR A 122 -10.44 20.04 4.51
CA THR A 122 -11.04 19.36 5.65
C THR A 122 -12.53 19.18 5.46
N LYS A 123 -13.22 20.25 5.04
CA LYS A 123 -14.66 20.22 4.82
C LYS A 123 -15.03 19.25 3.70
N GLU A 124 -14.18 19.15 2.67
CA GLU A 124 -14.54 18.36 1.48
C GLU A 124 -14.49 16.87 1.76
N ILE A 125 -13.48 16.40 2.48
N ILE A 125 -13.48 16.40 2.48
CA ILE A 125 -13.34 14.96 2.70
CA ILE A 125 -13.34 14.96 2.70
C ILE A 125 -14.26 14.48 3.81
C ILE A 125 -14.26 14.48 3.81
N LEU A 126 -14.55 15.33 4.80
CA LEU A 126 -15.45 14.92 5.86
C LEU A 126 -16.87 14.74 5.35
N ASN A 127 -17.27 15.56 4.37
CA ASN A 127 -18.52 15.36 3.64
C ASN A 127 -18.34 14.49 2.41
N GLY A 128 -17.20 13.82 2.28
CA GLY A 128 -16.90 13.05 1.08
C GLY A 128 -16.51 11.61 1.33
N LYS A 129 -15.22 11.29 1.16
CA LYS A 129 -14.78 9.90 1.20
C LYS A 129 -14.53 9.39 2.61
N VAL A 130 -14.34 10.26 3.60
CA VAL A 130 -14.06 9.80 4.96
C VAL A 130 -15.20 8.96 5.53
N PRO A 131 -16.46 9.42 5.53
CA PRO A 131 -17.54 8.54 6.04
C PRO A 131 -17.76 7.32 5.16
N VAL A 132 -17.56 7.43 3.85
CA VAL A 132 -17.72 6.28 2.97
C VAL A 132 -16.68 5.22 3.28
N LEU A 133 -15.43 5.64 3.51
CA LEU A 133 -14.39 4.66 3.84
C LEU A 133 -14.53 4.15 5.26
N LEU A 134 -15.11 4.95 6.17
CA LEU A 134 -15.34 4.47 7.53
C LEU A 134 -16.39 3.37 7.54
N ASP A 135 -17.45 3.51 6.75
CA ASP A 135 -18.46 2.46 6.67
C ASP A 135 -17.86 1.17 6.12
N ILE A 136 -16.95 1.29 5.15
CA ILE A 136 -16.30 0.11 4.60
C ILE A 136 -15.44 -0.58 5.66
N ILE A 137 -14.75 0.21 6.48
CA ILE A 137 -13.93 -0.37 7.54
C ILE A 137 -14.82 -1.03 8.59
N CYS A 138 -15.98 -0.42 8.88
CA CYS A 138 -16.90 -1.01 9.85
C CYS A 138 -17.44 -2.35 9.36
N GLU A 139 -17.69 -2.46 8.04
CA GLU A 139 -18.19 -3.72 7.50
C GLU A 139 -17.13 -4.82 7.57
N SER A 140 -15.87 -4.46 7.34
CA SER A 140 -14.80 -5.45 7.45
C SER A 140 -14.60 -5.89 8.89
N LEU A 141 -14.89 -5.03 9.86
CA LEU A 141 -14.74 -5.40 11.27
C LEU A 141 -15.78 -6.42 11.70
N LYS A 142 -17.01 -6.31 11.17
CA LYS A 142 -18.03 -7.29 11.52
C LYS A 142 -17.73 -8.66 10.91
N ALA A 143 -16.99 -8.69 9.80
CA ALA A 143 -16.73 -9.94 9.11
C ALA A 143 -15.55 -10.71 9.69
N SER A 144 -14.94 -10.23 10.77
CA SER A 144 -13.82 -10.92 11.37
C SER A 144 -14.30 -12.12 12.18
N THR A 145 -13.50 -13.17 12.18
CA THR A 145 -13.82 -14.36 12.95
C THR A 145 -13.53 -14.19 14.43
N GLY A 146 -13.12 -12.99 14.85
CA GLY A 146 -12.79 -12.74 16.25
C GLY A 146 -13.05 -11.34 16.75
N LYS A 147 -12.46 -11.04 17.92
CA LYS A 147 -12.79 -9.79 18.58
C LYS A 147 -12.02 -8.61 18.00
N LEU A 148 -10.98 -8.86 17.23
CA LEU A 148 -10.11 -7.85 16.66
C LEU A 148 -10.38 -7.71 15.16
N ALA A 149 -9.49 -6.98 14.49
CA ALA A 149 -9.65 -6.71 13.06
C ALA A 149 -9.64 -7.99 12.24
N VAL A 150 -8.68 -8.87 12.50
CA VAL A 150 -8.57 -10.14 11.79
C VAL A 150 -8.29 -11.22 12.83
N GLY A 151 -9.25 -12.11 13.05
CA GLY A 151 -9.06 -13.12 14.07
C GLY A 151 -9.19 -12.54 15.47
N ASP A 152 -8.50 -13.18 16.41
CA ASP A 152 -8.58 -12.80 17.82
C ASP A 152 -7.28 -12.25 18.40
N LYS A 153 -6.18 -12.28 17.64
CA LYS A 153 -4.89 -11.78 18.10
C LYS A 153 -4.45 -10.58 17.26
N VAL A 154 -3.49 -9.85 17.80
CA VAL A 154 -3.07 -8.58 17.20
C VAL A 154 -2.39 -8.83 15.86
N THR A 155 -2.78 -8.03 14.86
CA THR A 155 -2.11 -8.04 13.56
C THR A 155 -1.82 -6.60 13.16
N LEU A 156 -1.10 -6.45 12.05
CA LEU A 156 -0.75 -5.12 11.57
C LEU A 156 -1.99 -4.31 11.22
N ALA A 157 -3.06 -4.98 10.78
CA ALA A 157 -4.31 -4.29 10.46
C ALA A 157 -4.85 -3.56 11.69
N ASP A 158 -4.70 -4.16 12.88
CA ASP A 158 -5.15 -3.50 14.10
C ASP A 158 -4.42 -2.18 14.31
N LEU A 159 -3.12 -2.15 14.06
CA LEU A 159 -2.30 -0.99 14.41
C LEU A 159 -2.55 0.17 13.45
N VAL A 160 -2.56 -0.09 12.15
CA VAL A 160 -2.77 0.98 11.18
C VAL A 160 -4.18 1.56 11.31
N LEU A 161 -5.13 0.77 11.82
CA LEU A 161 -6.49 1.28 12.03
C LEU A 161 -6.52 2.30 13.16
N ILE A 162 -5.83 2.01 14.28
CA ILE A 162 -5.76 2.96 15.37
C ILE A 162 -5.13 4.28 14.90
N ALA A 163 -4.04 4.18 14.12
CA ALA A 163 -3.33 5.38 13.69
C ALA A 163 -4.20 6.25 12.80
N VAL A 164 -4.95 5.65 11.88
CA VAL A 164 -5.74 6.44 10.95
C VAL A 164 -6.98 7.02 11.63
N ILE A 165 -7.49 6.36 12.67
CA ILE A 165 -8.65 6.89 13.39
C ILE A 165 -8.24 8.11 14.21
N ASP A 166 -7.03 8.09 14.77
CA ASP A 166 -6.51 9.27 15.45
C ASP A 166 -6.33 10.45 14.49
N HIS A 167 -6.01 10.16 13.23
CA HIS A 167 -5.92 11.23 12.23
C HIS A 167 -7.30 11.79 11.92
N VAL A 168 -8.33 10.93 11.90
CA VAL A 168 -9.69 11.39 11.64
C VAL A 168 -10.15 12.33 12.75
N THR A 169 -9.94 11.95 14.01
CA THR A 169 -10.32 12.81 15.12
C THR A 169 -9.53 14.12 15.13
N ASP A 170 -8.34 14.14 14.53
CA ASP A 170 -7.63 15.41 14.37
C ASP A 170 -8.40 16.35 13.46
N LEU A 171 -9.06 15.79 12.42
CA LEU A 171 -9.90 16.61 11.56
C LEU A 171 -11.16 17.06 12.28
N ASP A 172 -11.69 16.23 13.17
CA ASP A 172 -12.93 16.55 13.87
C ASP A 172 -13.04 15.63 15.08
N LYS A 173 -12.87 16.22 16.28
CA LYS A 173 -13.00 15.48 17.53
C LYS A 173 -14.30 14.69 17.62
N GLU A 174 -15.39 15.23 17.08
CA GLU A 174 -16.72 14.67 17.30
C GLU A 174 -17.23 13.83 16.13
N PHE A 175 -16.38 13.55 15.13
CA PHE A 175 -16.87 12.91 13.92
C PHE A 175 -17.34 11.48 14.16
N LEU A 176 -16.77 10.80 15.15
CA LEU A 176 -17.17 9.43 15.46
C LEU A 176 -18.05 9.34 16.69
N THR A 177 -18.46 10.47 17.27
CA THR A 177 -19.26 10.46 18.49
C THR A 177 -20.65 9.90 18.19
N GLY A 178 -21.02 8.83 18.89
CA GLY A 178 -22.32 8.22 18.69
C GLY A 178 -22.49 7.47 17.39
N LYS A 179 -21.41 7.24 16.65
CA LYS A 179 -21.47 6.54 15.37
C LYS A 179 -20.36 5.50 15.31
N TYR A 180 -20.45 4.64 14.30
CA TYR A 180 -19.43 3.61 14.04
C TYR A 180 -19.11 2.78 15.27
N PRO A 181 -20.09 2.03 15.81
CA PRO A 181 -19.83 1.28 17.05
C PRO A 181 -18.74 0.23 16.91
N GLU A 182 -18.57 -0.36 15.72
CA GLU A 182 -17.55 -1.38 15.55
C GLU A 182 -16.15 -0.80 15.66
N ILE A 183 -15.96 0.46 15.28
CA ILE A 183 -14.66 1.10 15.43
C ILE A 183 -14.35 1.35 16.90
N HIS A 184 -15.33 1.88 17.64
CA HIS A 184 -15.16 2.04 19.08
C HIS A 184 -14.90 0.70 19.76
N LYS A 185 -15.59 -0.35 19.33
CA LYS A 185 -15.43 -1.65 19.97
C LYS A 185 -14.09 -2.29 19.63
N HIS A 186 -13.55 -2.01 18.44
CA HIS A 186 -12.26 -2.57 18.08
C HIS A 186 -11.16 -2.03 18.99
N ARG A 187 -11.12 -0.71 19.17
CA ARG A 187 -10.11 -0.12 20.04
C ARG A 187 -10.22 -0.66 21.47
N GLU A 188 -11.45 -0.75 21.98
CA GLU A 188 -11.66 -1.27 23.32
C GLU A 188 -11.14 -2.71 23.45
N ASN A 189 -11.43 -3.54 22.44
CA ASN A 189 -10.92 -4.91 22.45
C ASN A 189 -9.40 -4.95 22.28
N LEU A 190 -8.86 -4.05 21.46
CA LEU A 190 -7.43 -4.08 21.17
C LEU A 190 -6.60 -3.72 22.39
N LEU A 191 -7.00 -2.67 23.12
CA LEU A 191 -6.26 -2.28 24.33
C LEU A 191 -6.28 -3.41 25.36
N ALA A 192 -7.43 -4.06 25.52
CA ALA A 192 -7.51 -5.19 26.44
C ALA A 192 -6.71 -6.40 25.96
N SER A 193 -6.40 -6.47 24.67
CA SER A 193 -5.70 -7.63 24.13
C SER A 193 -4.19 -7.41 24.01
N SER A 194 -3.70 -6.21 24.24
CA SER A 194 -2.27 -5.93 24.27
C SER A 194 -1.99 -4.85 25.29
N PRO A 195 -1.59 -5.22 26.51
CA PRO A 195 -1.29 -4.20 27.52
C PRO A 195 -0.13 -3.29 27.15
N ARG A 196 0.86 -3.78 26.41
CA ARG A 196 1.98 -2.93 26.02
C ARG A 196 1.51 -1.80 25.10
N LEU A 197 0.63 -2.11 24.16
CA LEU A 197 0.08 -1.07 23.29
C LEU A 197 -0.76 -0.08 24.08
N ALA A 198 -1.56 -0.58 25.03
CA ALA A 198 -2.33 0.31 25.90
C ALA A 198 -1.41 1.25 26.68
N LYS A 199 -0.34 0.70 27.26
CA LYS A 199 0.65 1.52 27.93
C LYS A 199 1.26 2.55 26.98
N TYR A 200 1.53 2.14 25.74
CA TYR A 200 2.14 3.06 24.78
C TYR A 200 1.19 4.21 24.43
N LEU A 201 -0.10 3.92 24.26
CA LEU A 201 -1.06 4.95 23.90
C LEU A 201 -1.41 5.83 25.09
N SER A 202 -1.52 5.23 26.28
CA SER A 202 -1.83 6.02 27.47
C SER A 202 -0.72 7.00 27.80
N ASP A 203 0.53 6.52 27.82
CA ASP A 203 1.66 7.39 28.14
C ASP A 203 1.89 8.43 27.05
N ARG A 204 1.50 8.11 25.81
CA ARG A 204 1.64 9.07 24.72
C ARG A 204 0.72 10.28 24.88
N ALA A 205 -0.38 10.12 25.61
CA ALA A 205 -1.32 11.20 25.84
C ALA A 205 -0.91 12.03 27.06
N GLY B 1 -13.55 -21.27 -5.45
CA GLY B 1 -12.69 -22.37 -5.83
C GLY B 1 -12.29 -22.41 -7.29
N ASP B 2 -13.27 -22.62 -8.17
CA ASP B 2 -12.97 -22.94 -9.56
C ASP B 2 -12.74 -21.70 -10.42
N HIS B 3 -13.78 -20.89 -10.61
CA HIS B 3 -13.75 -19.78 -11.55
C HIS B 3 -13.44 -18.46 -10.84
N ILE B 4 -12.49 -17.72 -11.40
CA ILE B 4 -12.08 -16.41 -10.90
C ILE B 4 -12.57 -15.36 -11.90
N LYS B 5 -13.41 -14.44 -11.44
CA LYS B 5 -13.90 -13.34 -12.26
C LYS B 5 -13.35 -12.02 -11.73
N VAL B 6 -12.75 -11.23 -12.61
CA VAL B 6 -12.19 -9.92 -12.28
C VAL B 6 -13.15 -8.86 -12.77
N ILE B 7 -13.73 -8.10 -11.85
CA ILE B 7 -14.69 -7.05 -12.17
C ILE B 7 -13.98 -5.71 -12.08
N TYR B 8 -14.06 -4.91 -13.13
CA TYR B 8 -13.25 -3.69 -13.24
C TYR B 8 -13.92 -2.74 -14.23
N PHE B 9 -13.34 -1.54 -14.34
CA PHE B 9 -13.83 -0.54 -15.28
C PHE B 9 -12.70 0.02 -16.14
N ASN B 10 -11.61 0.45 -15.50
CA ASN B 10 -10.48 1.02 -16.22
C ASN B 10 -9.81 -0.03 -17.10
N GLY B 11 -9.60 0.29 -18.37
CA GLY B 11 -8.94 -0.67 -19.29
C GLY B 11 -7.61 -1.21 -18.77
N ARG B 12 -6.71 -0.32 -18.35
CA ARG B 12 -5.41 -0.71 -17.78
C ARG B 12 -5.23 0.04 -16.45
N GLY B 13 -6.16 -0.12 -15.51
CA GLY B 13 -6.07 0.52 -14.20
C GLY B 13 -5.56 -0.42 -13.11
N ARG B 14 -6.11 -0.34 -11.92
CA ARG B 14 -5.57 -1.11 -10.80
C ARG B 14 -5.70 -2.61 -11.00
N ALA B 15 -6.57 -3.05 -11.91
CA ALA B 15 -6.77 -4.48 -12.11
C ALA B 15 -5.61 -5.15 -12.85
N GLU B 16 -4.69 -4.37 -13.43
CA GLU B 16 -3.59 -4.95 -14.18
C GLU B 16 -2.71 -5.82 -13.30
N SER B 17 -2.54 -5.45 -12.02
CA SER B 17 -1.68 -6.23 -11.14
C SER B 17 -2.31 -7.57 -10.77
N ILE B 18 -3.64 -7.65 -10.80
CA ILE B 18 -4.30 -8.93 -10.57
C ILE B 18 -4.13 -9.85 -11.78
N ARG B 19 -4.38 -9.32 -12.98
CA ARG B 19 -4.25 -10.12 -14.19
C ARG B 19 -2.83 -10.61 -14.39
N MET B 20 -1.85 -9.73 -14.23
CA MET B 20 -0.46 -10.12 -14.45
C MET B 20 -0.01 -11.17 -13.44
N THR B 21 -0.50 -11.10 -12.21
CA THR B 21 -0.19 -12.14 -11.23
C THR B 21 -0.76 -13.48 -11.66
N LEU B 22 -2.05 -13.50 -12.05
CA LEU B 22 -2.66 -14.74 -12.49
C LEU B 22 -2.01 -15.29 -13.75
N VAL B 23 -1.60 -14.40 -14.66
CA VAL B 23 -0.98 -14.86 -15.90
C VAL B 23 0.40 -15.45 -15.62
N ALA B 24 1.18 -14.79 -14.76
CA ALA B 24 2.51 -15.32 -14.44
C ALA B 24 2.41 -16.65 -13.70
N ALA B 25 1.36 -16.84 -12.89
CA ALA B 25 1.14 -18.10 -12.21
C ALA B 25 0.48 -19.15 -13.08
N GLY B 26 0.05 -18.78 -14.30
CA GLY B 26 -0.62 -19.71 -15.17
C GLY B 26 -2.03 -20.08 -14.72
N VAL B 27 -2.73 -19.15 -14.07
CA VAL B 27 -4.08 -19.38 -13.57
C VAL B 27 -5.05 -18.65 -14.48
N ASN B 28 -6.13 -19.33 -14.86
CA ASN B 28 -7.13 -18.76 -15.75
C ASN B 28 -8.07 -17.83 -15.00
N TYR B 29 -8.67 -16.90 -15.74
CA TYR B 29 -9.59 -15.93 -15.16
C TYR B 29 -10.48 -15.40 -16.28
N GLU B 30 -11.53 -14.67 -15.88
CA GLU B 30 -12.48 -14.09 -16.81
C GLU B 30 -12.58 -12.60 -16.57
N ASP B 31 -12.51 -11.83 -17.65
CA ASP B 31 -12.67 -10.38 -17.56
C ASP B 31 -14.15 -10.01 -17.56
N GLU B 32 -14.52 -9.11 -16.64
N GLU B 32 -14.51 -9.08 -16.68
CA GLU B 32 -15.91 -8.58 -16.58
CA GLU B 32 -15.88 -8.56 -16.57
C GLU B 32 -15.83 -7.05 -16.44
C GLU B 32 -15.77 -7.03 -16.43
N ARG B 33 -15.81 -6.34 -17.56
CA ARG B 33 -15.70 -4.89 -17.57
C ARG B 33 -17.08 -4.27 -17.38
N ILE B 34 -17.19 -3.39 -16.39
CA ILE B 34 -18.45 -2.69 -16.14
C ILE B 34 -18.38 -1.35 -16.87
N SER B 35 -19.51 -0.90 -17.40
CA SER B 35 -19.53 0.35 -18.15
C SER B 35 -20.05 1.49 -17.29
N PHE B 36 -19.77 2.70 -17.76
CA PHE B 36 -20.14 3.91 -17.04
C PHE B 36 -21.64 3.99 -16.85
N GLN B 37 -22.41 3.74 -17.91
CA GLN B 37 -23.86 3.82 -17.83
C GLN B 37 -24.47 2.66 -17.03
N ASP B 38 -23.74 1.56 -16.88
CA ASP B 38 -24.24 0.42 -16.11
C ASP B 38 -23.86 0.47 -14.63
N TRP B 39 -22.77 1.18 -14.31
CA TRP B 39 -22.28 1.23 -12.94
C TRP B 39 -23.33 1.64 -11.90
N PRO B 40 -24.22 2.61 -12.14
CA PRO B 40 -25.23 2.93 -11.11
C PRO B 40 -26.05 1.74 -10.65
N LYS B 41 -26.41 0.83 -11.56
CA LYS B 41 -27.19 -0.34 -11.18
C LYS B 41 -26.33 -1.50 -10.69
N ILE B 42 -25.05 -1.53 -11.06
CA ILE B 42 -24.18 -2.61 -10.63
C ILE B 42 -23.56 -2.34 -9.25
N LYS B 43 -23.32 -1.08 -8.92
CA LYS B 43 -22.65 -0.73 -7.67
C LYS B 43 -23.32 -1.31 -6.42
N PRO B 44 -24.65 -1.27 -6.25
CA PRO B 44 -25.24 -1.86 -5.03
C PRO B 44 -24.97 -3.35 -4.89
N THR B 45 -24.59 -4.03 -5.96
CA THR B 45 -24.32 -5.46 -5.91
C THR B 45 -22.87 -5.78 -5.58
N ILE B 46 -21.99 -4.78 -5.55
CA ILE B 46 -20.58 -4.98 -5.25
C ILE B 46 -20.36 -4.63 -3.78
N PRO B 47 -19.88 -5.55 -2.94
CA PRO B 47 -19.60 -5.21 -1.54
C PRO B 47 -18.55 -4.11 -1.45
N GLY B 48 -18.87 -3.07 -0.68
CA GLY B 48 -18.05 -1.89 -0.59
C GLY B 48 -18.33 -0.83 -1.64
N GLY B 49 -18.98 -1.21 -2.75
CA GLY B 49 -19.33 -0.25 -3.78
C GLY B 49 -18.16 0.31 -4.55
N ARG B 50 -17.04 -0.39 -4.58
CA ARG B 50 -15.84 0.09 -5.26
C ARG B 50 -15.27 -0.98 -6.16
N LEU B 51 -14.68 -0.55 -7.27
CA LEU B 51 -14.03 -1.42 -8.23
C LEU B 51 -12.53 -1.10 -8.28
N PRO B 52 -11.68 -2.07 -8.65
CA PRO B 52 -12.02 -3.44 -9.05
C PRO B 52 -12.31 -4.39 -7.88
N ALA B 53 -13.02 -5.47 -8.18
CA ALA B 53 -13.32 -6.51 -7.20
C ALA B 53 -13.22 -7.86 -7.89
N VAL B 54 -13.04 -8.91 -7.09
CA VAL B 54 -12.86 -10.27 -7.58
C VAL B 54 -13.99 -11.15 -7.05
N LYS B 55 -14.59 -11.94 -7.94
CA LYS B 55 -15.69 -12.84 -7.59
C LYS B 55 -15.24 -14.27 -7.86
N ILE B 56 -15.32 -15.12 -6.83
CA ILE B 56 -14.88 -16.52 -6.91
C ILE B 56 -16.09 -17.42 -6.75
N THR B 57 -16.30 -18.30 -7.73
CA THR B 57 -17.40 -19.28 -7.70
C THR B 57 -16.84 -20.69 -7.81
N ASP B 58 -17.30 -21.59 -6.94
CA ASP B 58 -16.84 -22.96 -6.90
C ASP B 58 -17.66 -23.89 -7.83
N ASN B 59 -17.38 -25.19 -7.72
CA ASN B 59 -18.14 -26.28 -8.31
C ASN B 59 -19.61 -26.30 -7.91
N HIS B 60 -19.95 -25.63 -6.81
CA HIS B 60 -21.28 -25.73 -6.22
C HIS B 60 -22.10 -24.46 -6.35
N GLY B 61 -21.52 -23.37 -6.84
CA GLY B 61 -22.26 -22.14 -7.05
C GLY B 61 -22.17 -21.12 -5.94
N HIS B 62 -21.42 -21.39 -4.88
CA HIS B 62 -21.26 -20.42 -3.80
C HIS B 62 -20.29 -19.32 -4.22
N VAL B 63 -20.65 -18.08 -3.93
CA VAL B 63 -19.89 -16.91 -4.36
C VAL B 63 -19.05 -16.41 -3.20
N LYS B 64 -17.73 -16.27 -3.42
CA LYS B 64 -16.82 -15.64 -2.44
C LYS B 64 -16.27 -14.34 -3.05
N TRP B 65 -16.33 -13.23 -2.34
CA TRP B 65 -15.88 -11.93 -2.79
C TRP B 65 -14.52 -11.58 -2.19
N MET B 66 -13.71 -10.87 -2.98
CA MET B 66 -12.42 -10.34 -2.53
C MET B 66 -12.33 -8.88 -2.94
N LEU B 67 -11.88 -8.03 -2.00
CA LEU B 67 -11.83 -6.59 -2.21
C LEU B 67 -10.40 -6.09 -2.18
N GLU B 68 -10.22 -4.85 -2.64
CA GLU B 68 -8.93 -4.15 -2.69
C GLU B 68 -7.80 -4.71 -3.55
N SER B 69 -7.72 -4.25 -4.80
CA SER B 69 -6.87 -4.90 -5.80
C SER B 69 -5.50 -5.37 -5.34
N LEU B 70 -4.74 -4.50 -4.67
CA LEU B 70 -3.39 -4.89 -4.26
C LEU B 70 -3.41 -5.92 -3.14
N ALA B 71 -4.46 -5.91 -2.31
CA ALA B 71 -4.62 -6.99 -1.34
C ALA B 71 -4.92 -8.31 -2.04
N ILE B 72 -5.72 -8.28 -3.10
CA ILE B 72 -6.01 -9.49 -3.87
C ILE B 72 -4.75 -10.02 -4.53
N ALA B 73 -3.97 -9.12 -5.15
CA ALA B 73 -2.74 -9.53 -5.83
C ALA B 73 -1.75 -10.13 -4.84
N ARG B 74 -1.62 -9.53 -3.65
CA ARG B 74 -0.72 -10.07 -2.63
C ARG B 74 -1.11 -11.49 -2.24
N TYR B 75 -2.41 -11.76 -2.13
CA TYR B 75 -2.86 -13.10 -1.77
C TYR B 75 -2.55 -14.11 -2.87
N MET B 76 -2.85 -13.74 -4.12
CA MET B 76 -2.56 -14.65 -5.23
C MET B 76 -1.06 -14.86 -5.41
N ALA B 77 -0.27 -13.80 -5.25
CA ALA B 77 1.17 -13.93 -5.38
C ALA B 77 1.74 -14.78 -4.24
N LYS B 78 1.18 -14.65 -3.03
CA LYS B 78 1.62 -15.49 -1.92
C LYS B 78 1.34 -16.96 -2.22
N LYS B 79 0.16 -17.26 -2.74
CA LYS B 79 -0.21 -18.64 -3.01
C LYS B 79 0.68 -19.28 -4.08
N HIS B 80 1.34 -18.47 -4.92
CA HIS B 80 2.19 -18.99 -5.98
C HIS B 80 3.65 -18.57 -5.82
N HIS B 81 4.07 -18.26 -4.59
CA HIS B 81 5.47 -18.00 -4.27
C HIS B 81 6.03 -16.83 -5.09
N MET B 82 5.29 -15.73 -5.11
CA MET B 82 5.73 -14.50 -5.77
C MET B 82 5.80 -13.34 -4.78
N MET B 83 5.99 -13.64 -3.50
CA MET B 83 6.12 -12.64 -2.45
C MET B 83 7.45 -12.82 -1.70
N GLY B 84 8.48 -13.26 -2.39
CA GLY B 84 9.77 -13.46 -1.76
C GLY B 84 9.94 -14.85 -1.18
N GLU B 85 11.14 -15.41 -1.30
CA GLU B 85 11.40 -16.75 -0.78
C GLU B 85 11.67 -16.73 0.73
N THR B 86 12.24 -15.64 1.23
CA THR B 86 12.54 -15.47 2.65
C THR B 86 11.84 -14.22 3.17
N ASP B 87 11.90 -14.04 4.50
CA ASP B 87 11.38 -12.82 5.10
C ASP B 87 12.15 -11.60 4.63
N GLU B 88 13.46 -11.74 4.40
CA GLU B 88 14.26 -10.62 3.93
C GLU B 88 13.93 -10.28 2.48
N GLU B 89 13.69 -11.29 1.65
CA GLU B 89 13.20 -11.04 0.30
C GLU B 89 11.80 -10.46 0.33
N TYR B 90 10.96 -10.94 1.26
CA TYR B 90 9.61 -10.39 1.40
C TYR B 90 9.64 -8.89 1.66
N TYR B 91 10.58 -8.42 2.48
CA TYR B 91 10.70 -6.99 2.72
C TYR B 91 11.07 -6.25 1.44
N ASN B 92 12.05 -6.78 0.69
CA ASN B 92 12.49 -6.10 -0.52
C ASN B 92 11.39 -6.09 -1.59
N VAL B 93 10.53 -7.11 -1.61
CA VAL B 93 9.38 -7.08 -2.50
C VAL B 93 8.45 -5.94 -2.12
N GLU B 94 8.16 -5.81 -0.82
CA GLU B 94 7.28 -4.75 -0.35
C GLU B 94 7.93 -3.38 -0.47
N LYS B 95 9.26 -3.31 -0.35
CA LYS B 95 9.94 -2.03 -0.49
C LYS B 95 9.73 -1.43 -1.87
N LEU B 96 9.85 -2.26 -2.92
CA LEU B 96 9.64 -1.75 -4.27
C LEU B 96 8.16 -1.53 -4.57
N ILE B 97 7.28 -2.36 -4.00
CA ILE B 97 5.85 -2.11 -4.16
C ILE B 97 5.47 -0.77 -3.56
N GLY B 98 6.04 -0.44 -2.39
CA GLY B 98 5.76 0.85 -1.77
C GLY B 98 6.22 2.02 -2.62
N GLN B 99 7.39 1.89 -3.25
CA GLN B 99 7.89 2.97 -4.10
C GLN B 99 7.09 3.07 -5.39
N VAL B 100 6.74 1.93 -5.98
CA VAL B 100 5.86 1.94 -7.15
C VAL B 100 4.51 2.57 -6.80
N GLU B 101 4.02 2.31 -5.59
CA GLU B 101 2.76 2.88 -5.15
C GLU B 101 2.82 4.41 -5.13
N ASP B 102 3.96 4.96 -4.71
CA ASP B 102 4.10 6.42 -4.67
C ASP B 102 4.12 7.01 -6.07
N LEU B 103 4.80 6.35 -7.00
CA LEU B 103 4.80 6.83 -8.38
C LEU B 103 3.41 6.72 -8.98
N GLU B 104 2.69 5.63 -8.69
N GLU B 104 2.67 5.65 -8.65
CA GLU B 104 1.31 5.49 -9.13
CA GLU B 104 1.28 5.47 -9.13
C GLU B 104 0.42 6.57 -8.54
C GLU B 104 0.37 6.54 -8.53
N HIS B 105 0.71 7.00 -7.31
CA HIS B 105 -0.08 8.06 -6.68
C HIS B 105 0.05 9.37 -7.43
N GLU B 106 1.26 9.69 -7.90
CA GLU B 106 1.45 10.91 -8.68
C GLU B 106 0.77 10.79 -10.04
N TYR B 107 0.86 9.63 -10.68
CA TYR B 107 0.22 9.44 -11.98
C TYR B 107 -1.29 9.57 -11.85
N HIS B 108 -1.86 9.07 -10.76
CA HIS B 108 -3.30 9.08 -10.57
C HIS B 108 -3.88 10.49 -10.50
N LYS B 109 -3.06 11.48 -10.14
CA LYS B 109 -3.56 12.85 -10.01
C LYS B 109 -4.07 13.39 -11.35
N THR B 110 -3.50 12.92 -12.46
CA THR B 110 -3.84 13.39 -13.79
C THR B 110 -5.09 12.73 -14.36
N LEU B 111 -5.72 11.81 -13.63
CA LEU B 111 -6.75 10.94 -14.18
C LEU B 111 -8.14 11.58 -14.11
N MET B 112 -8.93 11.37 -15.16
CA MET B 112 -10.34 11.84 -15.24
C MET B 112 -10.47 13.36 -15.04
N LYS B 113 -9.55 14.11 -15.64
CA LYS B 113 -9.56 15.56 -15.56
C LYS B 113 -9.81 16.17 -16.94
N PRO B 114 -10.33 17.39 -17.00
CA PRO B 114 -10.45 18.06 -18.31
C PRO B 114 -9.09 18.20 -18.96
N GLU B 115 -9.12 18.42 -20.28
CA GLU B 115 -7.89 18.43 -21.07
C GLU B 115 -6.88 19.43 -20.54
N GLU B 116 -7.34 20.64 -20.23
CA GLU B 116 -6.40 21.69 -19.81
C GLU B 116 -5.84 21.41 -18.43
N GLU B 117 -6.66 20.94 -17.50
CA GLU B 117 -6.17 20.61 -16.17
C GLU B 117 -5.25 19.40 -16.21
N LYS B 118 -5.59 18.39 -17.01
CA LYS B 118 -4.75 17.21 -17.14
C LYS B 118 -3.36 17.57 -17.63
N GLN B 119 -3.28 18.45 -18.63
CA GLN B 119 -1.98 18.88 -19.14
C GLN B 119 -1.19 19.62 -18.06
N LYS B 120 -1.87 20.44 -17.26
CA LYS B 120 -1.20 21.21 -16.22
C LYS B 120 -0.57 20.30 -15.16
N ILE B 121 -1.33 19.30 -14.69
CA ILE B 121 -0.82 18.40 -13.67
C ILE B 121 0.27 17.49 -14.24
N THR B 122 0.10 17.03 -15.48
CA THR B 122 1.15 16.25 -16.13
C THR B 122 2.46 17.02 -16.19
N LYS B 123 2.39 18.28 -16.61
CA LYS B 123 3.58 19.12 -16.66
C LYS B 123 4.19 19.30 -15.28
N GLU B 124 3.33 19.39 -14.25
CA GLU B 124 3.81 19.67 -12.90
C GLU B 124 4.53 18.46 -12.31
N ILE B 125 3.96 17.26 -12.46
CA ILE B 125 4.57 16.10 -11.80
C ILE B 125 5.76 15.57 -12.58
N LEU B 126 5.77 15.75 -13.91
CA LEU B 126 6.92 15.31 -14.70
C LEU B 126 8.16 16.12 -14.37
N ASN B 127 7.99 17.39 -14.00
CA ASN B 127 9.07 18.21 -13.46
C ASN B 127 9.19 18.09 -11.95
N GLY B 128 8.51 17.12 -11.34
CA GLY B 128 8.47 17.02 -9.89
C GLY B 128 8.88 15.66 -9.34
N LYS B 129 7.91 14.91 -8.83
CA LYS B 129 8.21 13.68 -8.10
C LYS B 129 8.42 12.47 -9.01
N VAL B 130 7.95 12.53 -10.26
CA VAL B 130 8.12 11.38 -11.16
C VAL B 130 9.60 11.08 -11.41
N PRO B 131 10.45 12.03 -11.82
CA PRO B 131 11.87 11.69 -11.98
C PRO B 131 12.56 11.35 -10.66
N VAL B 132 12.13 11.96 -9.56
CA VAL B 132 12.73 11.65 -8.25
C VAL B 132 12.40 10.21 -7.86
N LEU B 133 11.16 9.78 -8.07
CA LEU B 133 10.79 8.42 -7.71
C LEU B 133 11.37 7.39 -8.68
N LEU B 134 11.61 7.79 -9.93
CA LEU B 134 12.23 6.87 -10.88
C LEU B 134 13.68 6.57 -10.50
N ASP B 135 14.40 7.58 -10.03
CA ASP B 135 15.77 7.36 -9.55
C ASP B 135 15.80 6.43 -8.35
N ILE B 136 14.80 6.56 -7.46
CA ILE B 136 14.74 5.71 -6.28
C ILE B 136 14.53 4.25 -6.68
N ILE B 137 13.62 4.01 -7.63
N ILE B 137 13.63 3.99 -7.62
CA ILE B 137 13.34 2.65 -8.09
CA ILE B 137 13.38 2.60 -8.00
C ILE B 137 14.58 2.06 -8.78
C ILE B 137 14.52 2.04 -8.85
N CYS B 138 15.31 2.89 -9.52
CA CYS B 138 16.49 2.41 -10.21
C CYS B 138 17.55 1.94 -9.21
N GLU B 139 17.66 2.63 -8.08
CA GLU B 139 18.60 2.21 -7.04
C GLU B 139 18.14 0.91 -6.39
N SER B 140 16.82 0.73 -6.23
CA SER B 140 16.32 -0.53 -5.68
C SER B 140 16.54 -1.68 -6.65
N LEU B 141 16.51 -1.41 -7.96
CA LEU B 141 16.75 -2.46 -8.94
C LEU B 141 18.22 -2.86 -8.98
N LYS B 142 19.12 -1.89 -8.79
CA LYS B 142 20.55 -2.19 -8.79
C LYS B 142 20.96 -3.01 -7.58
N ALA B 143 20.22 -2.91 -6.48
CA ALA B 143 20.53 -3.62 -5.25
C ALA B 143 19.98 -5.04 -5.23
N SER B 144 19.42 -5.50 -6.34
CA SER B 144 18.84 -6.83 -6.39
C SER B 144 19.94 -7.89 -6.46
N THR B 145 19.68 -9.04 -5.82
CA THR B 145 20.61 -10.16 -5.87
C THR B 145 20.50 -10.96 -7.16
N GLY B 146 19.63 -10.55 -8.09
CA GLY B 146 19.46 -11.24 -9.35
C GLY B 146 19.08 -10.30 -10.48
N LYS B 147 18.64 -10.88 -11.60
CA LYS B 147 18.34 -10.11 -12.79
C LYS B 147 16.98 -9.42 -12.74
N LEU B 148 16.14 -9.76 -11.77
CA LEU B 148 14.81 -9.16 -11.66
C LEU B 148 14.79 -8.18 -10.49
N ALA B 149 13.59 -7.71 -10.14
CA ALA B 149 13.46 -6.70 -9.10
C ALA B 149 13.97 -7.20 -7.75
N VAL B 150 13.58 -8.41 -7.37
CA VAL B 150 14.00 -9.04 -6.11
C VAL B 150 14.41 -10.47 -6.44
N GLY B 151 15.71 -10.76 -6.32
CA GLY B 151 16.17 -12.09 -6.66
C GLY B 151 16.18 -12.31 -8.16
N ASP B 152 16.04 -13.58 -8.56
CA ASP B 152 16.11 -13.96 -9.96
C ASP B 152 14.80 -14.52 -10.51
N LYS B 153 13.78 -14.71 -9.69
CA LYS B 153 12.49 -15.20 -10.14
C LYS B 153 11.41 -14.14 -9.95
N VAL B 154 10.30 -14.35 -10.64
CA VAL B 154 9.24 -13.34 -10.70
C VAL B 154 8.59 -13.18 -9.33
N THR B 155 8.39 -11.94 -8.92
CA THR B 155 7.63 -11.59 -7.72
C THR B 155 6.63 -10.49 -8.08
N LEU B 156 5.77 -10.15 -7.11
CA LEU B 156 4.77 -9.12 -7.35
C LEU B 156 5.42 -7.77 -7.64
N ALA B 157 6.59 -7.51 -7.07
CA ALA B 157 7.30 -6.27 -7.33
C ALA B 157 7.60 -6.09 -8.81
N ASP B 158 7.92 -7.19 -9.50
CA ASP B 158 8.16 -7.12 -10.94
C ASP B 158 6.92 -6.64 -11.69
N LEU B 159 5.74 -7.11 -11.29
CA LEU B 159 4.54 -6.85 -12.07
C LEU B 159 4.04 -5.43 -11.90
N VAL B 160 3.97 -4.93 -10.66
CA VAL B 160 3.50 -3.57 -10.45
C VAL B 160 4.48 -2.56 -11.01
N LEU B 161 5.75 -2.92 -11.16
CA LEU B 161 6.71 -2.02 -11.79
C LEU B 161 6.41 -1.86 -13.28
N ILE B 162 6.13 -2.96 -13.97
CA ILE B 162 5.75 -2.89 -15.38
C ILE B 162 4.50 -2.04 -15.55
N ALA B 163 3.50 -2.24 -14.67
CA ALA B 163 2.24 -1.52 -14.82
C ALA B 163 2.44 -0.02 -14.63
N VAL B 164 3.26 0.39 -13.67
CA VAL B 164 3.43 1.81 -13.40
C VAL B 164 4.30 2.49 -14.46
N ILE B 165 5.22 1.75 -15.08
CA ILE B 165 6.05 2.34 -16.13
C ILE B 165 5.22 2.61 -17.38
N ASP B 166 4.26 1.73 -17.67
CA ASP B 166 3.33 1.99 -18.78
C ASP B 166 2.49 3.22 -18.51
N HIS B 167 2.18 3.50 -17.24
CA HIS B 167 1.47 4.72 -16.91
C HIS B 167 2.35 5.95 -17.12
N VAL B 168 3.64 5.83 -16.80
CA VAL B 168 4.57 6.94 -17.02
C VAL B 168 4.69 7.26 -18.51
N THR B 169 4.89 6.22 -19.33
CA THR B 169 4.99 6.43 -20.77
C THR B 169 3.69 6.97 -21.36
N ASP B 170 2.55 6.72 -20.71
CA ASP B 170 1.29 7.33 -21.16
C ASP B 170 1.34 8.84 -21.00
N LEU B 171 1.97 9.34 -19.93
CA LEU B 171 2.13 10.77 -19.78
C LEU B 171 3.12 11.34 -20.79
N ASP B 172 4.14 10.56 -21.16
CA ASP B 172 5.15 11.04 -22.10
C ASP B 172 5.89 9.84 -22.69
N LYS B 173 5.65 9.57 -23.97
CA LYS B 173 6.33 8.49 -24.68
C LYS B 173 7.84 8.53 -24.56
N GLU B 174 8.41 9.73 -24.48
CA GLU B 174 9.86 9.94 -24.59
C GLU B 174 10.51 10.17 -23.24
N PHE B 175 9.77 10.03 -22.14
CA PHE B 175 10.31 10.42 -20.84
C PHE B 175 11.46 9.53 -20.39
N LEU B 176 11.47 8.26 -20.79
CA LEU B 176 12.51 7.33 -20.39
C LEU B 176 13.53 7.07 -21.51
N THR B 177 13.41 7.77 -22.63
CA THR B 177 14.31 7.49 -23.72
C THR B 177 15.74 7.93 -23.41
N GLY B 178 16.68 6.99 -23.51
CA GLY B 178 18.07 7.27 -23.22
C GLY B 178 18.39 7.48 -21.77
N LYS B 179 17.45 7.19 -20.87
CA LYS B 179 17.62 7.37 -19.43
C LYS B 179 17.16 6.12 -18.70
N TYR B 180 17.49 6.05 -17.42
CA TYR B 180 17.06 4.98 -16.54
C TYR B 180 17.37 3.60 -17.12
N PRO B 181 18.64 3.27 -17.35
CA PRO B 181 18.95 1.99 -18.00
C PRO B 181 18.52 0.77 -17.20
N GLU B 182 18.49 0.87 -15.87
CA GLU B 182 18.08 -0.27 -15.05
C GLU B 182 16.60 -0.59 -15.25
N ILE B 183 15.78 0.42 -15.56
CA ILE B 183 14.37 0.19 -15.81
C ILE B 183 14.18 -0.55 -17.13
N HIS B 184 14.86 -0.09 -18.19
CA HIS B 184 14.82 -0.80 -19.46
C HIS B 184 15.33 -2.23 -19.31
N LYS B 185 16.37 -2.40 -18.49
CA LYS B 185 16.98 -3.71 -18.34
C LYS B 185 16.09 -4.66 -17.55
N HIS B 186 15.30 -4.13 -16.62
CA HIS B 186 14.40 -4.95 -15.83
C HIS B 186 13.33 -5.59 -16.71
N ARG B 187 12.69 -4.78 -17.57
CA ARG B 187 11.64 -5.30 -18.45
C ARG B 187 12.19 -6.39 -19.37
N GLU B 188 13.36 -6.16 -19.97
CA GLU B 188 13.95 -7.16 -20.86
C GLU B 188 14.21 -8.47 -20.14
N ASN B 189 14.75 -8.39 -18.92
CA ASN B 189 14.98 -9.61 -18.14
C ASN B 189 13.68 -10.26 -17.72
N LEU B 190 12.66 -9.45 -17.39
CA LEU B 190 11.39 -10.01 -16.94
C LEU B 190 10.69 -10.76 -18.05
N LEU B 191 10.65 -10.18 -19.26
CA LEU B 191 10.04 -10.88 -20.39
C LEU B 191 10.78 -12.18 -20.68
N ALA B 192 12.11 -12.18 -20.59
CA ALA B 192 12.89 -13.39 -20.80
C ALA B 192 12.68 -14.43 -19.71
N SER B 193 12.22 -14.01 -18.53
CA SER B 193 12.06 -14.93 -17.41
C SER B 193 10.63 -15.44 -17.25
N SER B 194 9.67 -14.89 -18.00
CA SER B 194 8.30 -15.40 -17.99
C SER B 194 7.73 -15.22 -19.39
N PRO B 195 7.74 -16.28 -20.21
CA PRO B 195 7.14 -16.16 -21.55
C PRO B 195 5.64 -15.91 -21.51
N ARG B 196 4.95 -16.40 -20.48
CA ARG B 196 3.51 -16.17 -20.37
C ARG B 196 3.21 -14.68 -20.21
N LEU B 197 3.99 -13.99 -19.38
CA LEU B 197 3.81 -12.54 -19.23
C LEU B 197 4.16 -11.82 -20.52
N ALA B 198 5.25 -12.21 -21.17
CA ALA B 198 5.60 -11.63 -22.46
C ALA B 198 4.49 -11.87 -23.48
N LYS B 199 3.95 -13.09 -23.52
CA LYS B 199 2.80 -13.36 -24.38
C LYS B 199 1.63 -12.45 -24.04
N TYR B 200 1.39 -12.20 -22.75
CA TYR B 200 0.27 -11.36 -22.34
C TYR B 200 0.47 -9.91 -22.76
N LEU B 201 1.69 -9.38 -22.60
CA LEU B 201 1.95 -7.99 -22.95
C LEU B 201 2.03 -7.79 -24.45
N SER B 202 2.61 -8.75 -25.18
CA SER B 202 2.70 -8.64 -26.63
C SER B 202 1.32 -8.66 -27.27
N ASP B 203 0.48 -9.63 -26.89
CA ASP B 203 -0.85 -9.73 -27.47
C ASP B 203 -1.76 -8.58 -27.02
N ARG B 204 -1.49 -8.01 -25.84
CA ARG B 204 -2.29 -6.89 -25.36
C ARG B 204 -2.10 -5.64 -26.21
N ALA B 205 -0.99 -5.51 -26.91
CA ALA B 205 -0.73 -4.35 -27.76
C ALA B 205 -1.29 -4.58 -29.16
NA NA C . 6.64 9.85 10.49
NA NA D . -8.94 -1.51 -12.88
#